data_3FWO
#
_entry.id   3FWO
#
_cell.length_a   172.499
_cell.length_b   415.691
_cell.length_c   701.729
_cell.angle_alpha   90.00
_cell.angle_beta   90.00
_cell.angle_gamma   90.00
#
_symmetry.space_group_name_H-M   'I 2 2 2'
#
loop_
_entity.id
_entity.type
_entity.pdbx_description
1 polymer '23S RIBOSOMAL RNA'
2 polymer '5S RIBOSOMAL RNA'
3 non-polymer '(3R,4S,5S,7R,9E,11S,12R)-12-ethyl-11-hydroxy-3,5,7,11-tetramethyl-2,8-dioxooxacyclododec-9-en-4-yl 3,4,6-trideoxy-3-(dimethylamino)-beta-D-xylo-hexopyranoside'
#
loop_
_entity_poly.entity_id
_entity_poly.type
_entity_poly.pdbx_seq_one_letter_code
_entity_poly.pdbx_strand_id
1 'polyribonucleotide'
;GGUCAAGAUAGUAAGGGUCCACGGUGGAUGCCCUGGCGCUGGAGCCGAUGAAGGACGCGAUUACCUGCGAAAAGCCCCGA
CGAGCUGGAGAUACGCUUUGACUCGGGGAUGUCCGAAUGGGGAAACCCACCUCGUAAGAGGUAUCCGCAAGGAUGGGAAC
UCAGGGAACUGAAACAUCUCAGUACCUGAAGGAGAAGAAAGAGAAUUCGAUUCCGUUAGUAGCGGCGAGCGAACCCGGAU
CAGCCCAAACCGAAACGCUUGCGUUUCGGGGUUGUAGGACCAGUUUUUAAGAUUCAACCCCUCAAGCCGAAGUGGCUGGA
AAGCUACACCUCAGAAGGUGAGAGUCCUGUAGGCGAACGAGCGGUUGACUGUACUGGCACCUGAGUAGGUCGUUGUUCGU
GAAACGAUGACUGAAUCCGCGCGGACCACCGCGCAAGGCUAAAUACUCCCAGUGACCGAUAGCGCAUAGUACCGUGAGGG
AAAGGUGAAAAGAACCCCGGGAGGGGAGUGAAAGAGAACCUGAAACCGUGGACUUACAAGCAGUCAUGGCACCUUAUGCG
UGUUAUGGCGUGCCUAUUGAAGCAUGAGCCGGCGACUUAGACCUGACGUGCGAGCUUAAGUUGAAAAACGGAGGCGGAGC
GAAAGCGAGUCCGAAUAGGGCGGCAUUAGUACGUCGGGCUAGACUCGAAACCAGGUGAGCUAAGCAUGACCAGGUUGAAA
CCCCCGUGACAGGGGGCGGAGGACCGAACCGGUGCCUGCUGAAACAGUCUCGGAUGAGUUGUGUUUAGGAGUGAAAAGCU
AACCGAACCUGGAGAUAGCUAGUUCUCCCCGAAAUGUAUUGAGGUACAGCCUCGGAUGUUGACCAUGUCCUGUAGAGCAC
UCACAAGGCUAGGGGGCCUACCAGCUUACCAAACCUUAUGAAACUCCGAAGGGGCACGCGUUUAGUCCGGGAGUGAGGCU
GCGAGAGCUAACUUCCGUAGCCGAGAGGGAAACAACCCAGACCAUCAGCUAAGGUCCCUAAAUGAUCGCUCAGUGGUUAA
GGAUGUGUCGUCGCAUAGACAGCCAGGAGGUUGGCUUAGAAGCAGCCACCCUUCAAAGAGUGCGUAAUAGCUCACUGGUC
GAGUGACGAUGCGCCGAAAAUGAUCGGGGCUCAAGUGAUCUACCGAAGCUAUGGAUUCAACUCGCGAAGCGAGUUGUCUG
GUAGGGGAGCGUUCAGUCCGCGGAGAAGCCAUACCGGAAGGAGUGGUGGAGCCGACUGAAGUGCGGAUGCCGGCAUGAGU
AACGAUAAAAGAAGUGAGAAUCUUCUUCGCCGUAAGGACAAGGGUUCCUGGGGAAGGGUCGUCCGCCCAGGGAAAGUCGG
GACCUAAGGUGAGGCCGAACGGCGCAGCCGAUGGACAGCAGGUCAAGAUUCCUGCACCGAUCAUGUGGAGUGAUGGAGGG
ACGCAUUACGCUAUCCAAUGCCAAGCUAUGGCUAUGCUGGUUGGUACGCUCAAGGGCGAUCGGGUCAGAAAAUCUACCGG
UCACAUGCCUCAGACGUAUCGGGAGCUUCCUCGGAAGCGAAGUUGGAAACGCGACGGUGCCAAGAAAAGCUUCUAAACGU
UGAAACAUGAUUGCCCGUACCGCAAACCGACACAGGUGUCCGAGUGUCAAUGCACUAAGGCGCGCGAGAGAACCCUCGUU
AAGGAACUUUGCAAUCUCACCCCGUAACUUCGGAAGAAGGGGUCCCCACGCUUCGCGUGGGGCGCAGUGAAUAGGCCCAG
GCGACUGUUUACCAAAAUCACAGCACUCUGCCAACACGAACAGUGGACGUAUAGGGUGUGACGCCUGCCCGGUGCCGGAA
GGUCAAGUGGAGCGGUGCAAGCUGCGAAAUGAAGCCCCGGUGAACGGCGGCCGUAACUAUAACGGUCCUAAGGUAGCGAA
AUUCCUUGUCGGGUAAGUUCCGACCUGCACGAAAGGCGUAACGAUCUGGGCGCUGUCUCAACGAGGGACUCGGUGAAAUU
GAAUUGGCUGUAAAGAUGCGGCCUACCCGUAGCAGGACGAAAAGACCCCGUGGAGCUUUACUAUAGUCUGGCAUUGGGAU
UCGGGUUUCUCUGCGUAGGAUAGGUGGGAGCCUGCGAAACUGGCCUUUUGGGGUCGGUGGAGGCAACGGUGAAAUACCAC
CCUGAGAAACUUGGAUUUCUAACCUGAAAAAUCACUUUCGGGGACCGUGCUUGGCGGGUAGUUUGACUGGGGCGGUCGCC
UCCCAAAAUGUAACGGAGGCGCCCAAAGGUCACCUCAAGACGGUUGGAAAUCGUCUGUAGAGCGCAAAGGUAGAAGGUGG
CUUGACUGCGAGACUGACACGUCGAGCAGGGAGGAAACUCGGGCUUAGUGAACCGGUGGUACCGUGUGGAAGGGCCAUCG
AUCAACGGAUAAAAGUUACCCCGGGGAUAACAGGCUGAUCUCCCCCGAGAGUCCAUAUCGGCGGGGAGGUUUGGCACCUC
GAUGUCGGCUCGUCGCAUCCUGGGGCUGAAGAAGGUCCCAAGGGUUGGGCUGUUCGCCCAUUAAAGCGGCACGCGAGCUG
GGUUCAGAACGUCGUGAGACAGUUCGGUCUCUAUCCGCUACGGGCGCAGGAGAAUUGAGGGGAGUUGCUCCUAGUACGAG
AGGACCGGAGUGAACGGACCGCUGGUCUCCCUGCUGUCGUACCAACGGCACAUGCAGGGUAGCUAUGUCCGGAACGGAUA
ACCGCUGAAAGCAUCUAAGCGGGAAGCCAGCCCCAAGAUGAGUUCUCCCACUGUUUAUCAGGUAAGACUCCCGGAAGACC
ACCGGGUUAAGAGGCCAGGCGUGCACGCAUAGCAAUGUGUUCAGCGGACUGGUGCUCAUCAGUCGAGGUCUUGACCACUC
;
A
2 'polyribonucleotide'
;CCCCCGUGCCCAUAGCACUGUGGAACCACCCCACCCCAUGCCGAACUGGGUCGUGAAACACAGCAGCGCCAAUGAUACUC
GGACCGCAGGGUCCCGGAAAAGUCGGUCAGCGCGGGGG
;
B
#